data_7LAJ
#
_entry.id   7LAJ
#
_cell.length_a   53.920
_cell.length_b   82.670
_cell.length_c   45.200
_cell.angle_alpha   90.000
_cell.angle_beta   134.330
_cell.angle_gamma   90.000
#
_symmetry.space_group_name_H-M   'C 1 2 1'
#
loop_
_entity.id
_entity.type
_entity.pdbx_description
1 polymer 'Bromodomain-containing protein 2'
2 non-polymer 4-[(9-cyclopentyl-7,7-difluoro-5-methyl-6-oxo-6,7,8,9-tetrahydro-5H-pyrimido[4,5-b][1,4]diazepin-2-yl)amino]-3-methoxy-N-(1-methylpiperidin-4-yl)benzamide
3 water water
#
_entity_poly.entity_id   1
_entity_poly.type   'polypeptide(L)'
_entity_poly.pdbx_seq_one_letter_code
;GRVTNQLQYLHKVVMKALWKHQFAWPFRQPVDAVKLGLPDYHKIIKQPMDMGTIKRRLENNYYWAASECMQDFNTMFTNC
YIYNKPTDDIVLMAQTLEKIFLQKVASMPQEEQELVVTIPKN
;
_entity_poly.pdbx_strand_id   A
#
# COMPACT_ATOMS: atom_id res chain seq x y z
N GLY A 1 -16.88 -1.11 2.68
CA GLY A 1 -16.23 -1.25 1.39
C GLY A 1 -16.77 -2.46 0.66
N ARG A 2 -16.01 -2.95 -0.30
CA ARG A 2 -16.47 -4.10 -1.08
C ARG A 2 -15.26 -4.85 -1.62
N VAL A 3 -15.54 -5.99 -2.23
CA VAL A 3 -14.53 -6.82 -2.86
C VAL A 3 -14.67 -6.67 -4.36
N THR A 4 -13.57 -6.34 -5.03
CA THR A 4 -13.49 -6.29 -6.49
C THR A 4 -12.36 -7.21 -6.94
N ASN A 5 -12.33 -7.50 -8.23
CA ASN A 5 -11.25 -8.31 -8.78
C ASN A 5 -9.91 -7.64 -8.55
N GLN A 6 -9.84 -6.31 -8.71
CA GLN A 6 -8.58 -5.61 -8.54
C GLN A 6 -8.15 -5.57 -7.07
N LEU A 7 -9.10 -5.33 -6.17
CA LEU A 7 -8.80 -5.30 -4.74
C LEU A 7 -8.37 -6.68 -4.24
N GLN A 8 -9.04 -7.74 -4.68
CA GLN A 8 -8.61 -9.08 -4.28
C GLN A 8 -7.22 -9.38 -4.79
N TYR A 9 -6.91 -8.94 -6.02
CA TYR A 9 -5.56 -9.10 -6.55
C TYR A 9 -4.55 -8.30 -5.74
N LEU A 10 -4.90 -7.07 -5.35
CA LEU A 10 -3.99 -6.28 -4.52
C LEU A 10 -3.71 -6.98 -3.20
N HIS A 11 -4.71 -7.62 -2.61
CA HIS A 11 -4.54 -8.28 -1.32
C HIS A 11 -3.70 -9.55 -1.46
N LYS A 12 -4.13 -10.46 -2.32
CA LYS A 12 -3.47 -11.76 -2.19
C LYS A 12 -2.40 -12.02 -3.22
N VAL A 13 -2.11 -11.06 -4.10
CA VAL A 13 -0.90 -11.10 -4.92
C VAL A 13 0.06 -9.98 -4.53
N VAL A 14 -0.38 -8.73 -4.62
CA VAL A 14 0.52 -7.60 -4.44
C VAL A 14 1.00 -7.53 -2.99
N MET A 15 0.07 -7.41 -2.05
CA MET A 15 0.44 -7.35 -0.64
C MET A 15 1.17 -8.61 -0.20
N LYS A 16 0.73 -9.78 -0.67
CA LYS A 16 1.44 -11.01 -0.34
C LYS A 16 2.91 -10.90 -0.71
N ALA A 17 3.21 -10.40 -1.91
CA ALA A 17 4.59 -10.30 -2.35
C ALA A 17 5.35 -9.24 -1.57
N LEU A 18 4.74 -8.08 -1.35
CA LEU A 18 5.46 -6.99 -0.71
C LEU A 18 5.70 -7.25 0.77
N TRP A 19 4.70 -7.82 1.45
CA TRP A 19 4.78 -7.98 2.91
C TRP A 19 5.95 -8.85 3.35
N LYS A 20 6.32 -9.84 2.56
CA LYS A 20 7.37 -10.78 2.95
C LYS A 20 8.71 -10.45 2.33
N HIS A 21 8.79 -9.37 1.56
CA HIS A 21 10.06 -8.96 0.98
C HIS A 21 11.08 -8.63 2.06
N GLN A 22 12.35 -8.85 1.75
CA GLN A 22 13.45 -8.57 2.68
C GLN A 22 13.48 -7.11 3.12
N PHE A 23 12.99 -6.20 2.30
CA PHE A 23 12.99 -4.77 2.59
C PHE A 23 11.70 -4.28 3.22
N ALA A 24 10.76 -5.18 3.54
CA ALA A 24 9.43 -4.74 3.95
C ALA A 24 9.41 -4.20 5.38
N TRP A 25 10.28 -4.69 6.26
CA TRP A 25 10.03 -4.47 7.70
C TRP A 25 9.89 -3.01 8.11
N PRO A 26 10.63 -2.03 7.56
CA PRO A 26 10.39 -0.64 8.00
C PRO A 26 9.02 -0.12 7.61
N PHE A 27 8.34 -0.79 6.69
CA PHE A 27 7.07 -0.33 6.16
C PHE A 27 5.89 -1.16 6.65
N ARG A 28 6.12 -2.09 7.59
CA ARG A 28 5.05 -2.98 8.06
C ARG A 28 4.20 -2.35 9.16
N GLN A 29 4.58 -1.18 9.66
CA GLN A 29 3.87 -0.52 10.72
C GLN A 29 4.10 0.98 10.57
N PRO A 30 3.28 1.82 11.20
CA PRO A 30 3.48 3.27 11.07
C PRO A 30 4.84 3.69 11.61
N VAL A 31 5.35 4.78 11.05
CA VAL A 31 6.53 5.44 11.62
C VAL A 31 6.20 5.90 13.03
N ASP A 32 6.98 5.42 14.01
CA ASP A 32 6.92 5.91 15.38
C ASP A 32 7.88 7.08 15.49
N ALA A 33 7.38 8.27 15.14
CA ALA A 33 8.22 9.47 15.18
C ALA A 33 8.63 9.85 16.60
N VAL A 34 7.92 9.39 17.61
CA VAL A 34 8.29 9.70 18.99
C VAL A 34 9.48 8.86 19.41
N LYS A 35 9.41 7.55 19.16
CA LYS A 35 10.51 6.65 19.51
C LYS A 35 11.75 6.96 18.68
N LEU A 36 11.57 7.24 17.39
CA LEU A 36 12.71 7.46 16.52
C LEU A 36 13.27 8.87 16.61
N GLY A 37 12.69 9.74 17.42
CA GLY A 37 13.22 11.09 17.55
C GLY A 37 13.14 11.89 16.26
N LEU A 38 11.96 11.91 15.65
CA LEU A 38 11.72 12.65 14.41
C LEU A 38 10.52 13.59 14.63
N PRO A 39 10.62 14.59 15.49
CA PRO A 39 9.47 15.50 15.66
C PRO A 39 9.26 16.49 14.51
N ASP A 40 9.99 16.39 13.41
CA ASP A 40 9.55 17.05 12.19
C ASP A 40 8.78 16.11 11.26
N TYR A 41 8.71 14.82 11.58
CA TYR A 41 8.14 13.88 10.63
C TYR A 41 6.70 14.24 10.28
N HIS A 42 5.87 14.46 11.29
CA HIS A 42 4.46 14.76 11.01
C HIS A 42 4.23 16.19 10.61
N LYS A 43 5.24 17.05 10.72
CA LYS A 43 5.19 18.38 10.11
C LYS A 43 5.38 18.28 8.60
N ILE A 44 6.26 17.39 8.16
CA ILE A 44 6.59 17.23 6.75
C ILE A 44 5.62 16.30 6.03
N ILE A 45 5.28 15.18 6.67
CA ILE A 45 4.47 14.13 6.07
C ILE A 45 3.05 14.32 6.56
N LYS A 46 2.17 14.77 5.66
CA LYS A 46 0.79 15.08 6.04
C LYS A 46 -0.12 13.86 6.07
N GLN A 47 0.21 12.80 5.35
CA GLN A 47 -0.60 11.58 5.33
C GLN A 47 0.30 10.37 5.57
N PRO A 48 0.53 10.01 6.82
CA PRO A 48 1.28 8.79 7.09
C PRO A 48 0.55 7.57 6.54
N MET A 49 1.33 6.62 6.03
CA MET A 49 0.76 5.38 5.53
C MET A 49 1.82 4.29 5.62
N ASP A 50 1.36 3.05 5.77
CA ASP A 50 2.25 1.92 5.94
C ASP A 50 1.51 0.67 5.50
N MET A 51 2.27 -0.42 5.29
CA MET A 51 1.67 -1.64 4.75
C MET A 51 0.83 -2.37 5.78
N GLY A 52 1.12 -2.18 7.08
CA GLY A 52 0.27 -2.78 8.10
C GLY A 52 -1.13 -2.22 8.05
N THR A 53 -1.23 -0.90 7.92
CA THR A 53 -2.53 -0.25 7.74
C THR A 53 -3.22 -0.74 6.47
N ILE A 54 -2.50 -0.71 5.34
CA ILE A 54 -3.09 -1.17 4.07
C ILE A 54 -3.58 -2.61 4.20
N LYS A 55 -2.76 -3.48 4.79
CA LYS A 55 -3.12 -4.89 4.93
C LYS A 55 -4.37 -5.06 5.76
N ARG A 56 -4.45 -4.35 6.89
CA ARG A 56 -5.64 -4.40 7.73
C ARG A 56 -6.87 -3.91 6.97
N ARG A 57 -6.72 -2.83 6.21
CA ARG A 57 -7.83 -2.31 5.42
C ARG A 57 -8.30 -3.33 4.39
N LEU A 58 -7.36 -4.02 3.72
CA LEU A 58 -7.74 -5.07 2.79
C LEU A 58 -8.44 -6.22 3.51
N GLU A 59 -7.93 -6.58 4.68
CA GLU A 59 -8.55 -7.66 5.43
C GLU A 59 -9.97 -7.31 5.84
N ASN A 60 -10.21 -6.05 6.21
CA ASN A 60 -11.50 -5.60 6.72
C ASN A 60 -12.42 -5.07 5.62
N ASN A 61 -12.07 -5.24 4.35
CA ASN A 61 -12.85 -4.72 3.23
C ASN A 61 -13.15 -3.23 3.40
N TYR A 62 -12.12 -2.48 3.78
CA TYR A 62 -12.30 -1.05 4.01
C TYR A 62 -12.43 -0.27 2.70
N TYR A 63 -11.71 -0.70 1.67
CA TYR A 63 -11.67 0.03 0.41
C TYR A 63 -12.92 -0.24 -0.42
N TRP A 64 -13.38 0.79 -1.14
CA TRP A 64 -14.43 0.67 -2.13
C TRP A 64 -13.91 0.48 -3.54
N ALA A 65 -12.67 0.87 -3.80
CA ALA A 65 -12.08 0.76 -5.12
C ALA A 65 -10.59 0.53 -4.99
N ALA A 66 -10.05 -0.22 -5.94
CA ALA A 66 -8.61 -0.45 -6.02
C ALA A 66 -7.82 0.86 -6.03
N SER A 67 -8.38 1.92 -6.60
CA SER A 67 -7.63 3.17 -6.69
C SER A 67 -7.27 3.70 -5.32
N GLU A 68 -8.14 3.49 -4.33
CA GLU A 68 -7.86 3.98 -2.99
C GLU A 68 -6.72 3.21 -2.35
N CYS A 69 -6.70 1.89 -2.57
CA CYS A 69 -5.61 1.06 -2.08
C CYS A 69 -4.29 1.41 -2.78
N MET A 70 -4.33 1.55 -4.10
CA MET A 70 -3.13 1.96 -4.83
CA MET A 70 -3.12 1.95 -4.82
C MET A 70 -2.62 3.32 -4.35
N GLN A 71 -3.53 4.25 -4.05
CA GLN A 71 -3.07 5.54 -3.56
C GLN A 71 -2.40 5.44 -2.18
N ASP A 72 -2.84 4.50 -1.35
CA ASP A 72 -2.18 4.32 -0.05
C ASP A 72 -0.76 3.78 -0.23
N PHE A 73 -0.58 2.78 -1.09
CA PHE A 73 0.76 2.31 -1.44
C PHE A 73 1.60 3.47 -1.96
N ASN A 74 1.06 4.18 -2.94
CA ASN A 74 1.76 5.31 -3.57
C ASN A 74 2.21 6.32 -2.52
N THR A 75 1.30 6.68 -1.61
CA THR A 75 1.61 7.66 -0.58
C THR A 75 2.70 7.15 0.35
N MET A 76 2.63 5.87 0.71
CA MET A 76 3.66 5.28 1.53
C MET A 76 5.04 5.47 0.92
N PHE A 77 5.19 5.13 -0.36
CA PHE A 77 6.48 5.28 -1.02
C PHE A 77 6.89 6.74 -1.10
N THR A 78 5.97 7.61 -1.54
CA THR A 78 6.32 9.02 -1.69
C THR A 78 6.74 9.64 -0.36
N ASN A 79 6.02 9.32 0.71
CA ASN A 79 6.42 9.79 2.05
C ASN A 79 7.90 9.49 2.31
N CYS A 80 8.34 8.30 1.94
CA CYS A 80 9.72 7.90 2.24
C CYS A 80 10.71 8.75 1.46
N TYR A 81 10.40 9.04 0.19
CA TYR A 81 11.28 9.83 -0.65
C TYR A 81 11.32 11.29 -0.21
N ILE A 82 10.19 11.80 0.29
CA ILE A 82 10.10 13.21 0.69
C ILE A 82 10.84 13.44 1.99
N TYR A 83 10.70 12.51 2.93
CA TYR A 83 11.23 12.76 4.27
C TYR A 83 12.72 12.46 4.39
N ASN A 84 13.17 11.34 3.83
CA ASN A 84 14.53 10.88 4.06
C ASN A 84 15.51 11.51 3.07
N LYS A 85 16.80 11.23 3.31
CA LYS A 85 17.86 11.80 2.51
C LYS A 85 18.03 11.01 1.21
N PRO A 86 18.46 11.67 0.14
CA PRO A 86 18.61 10.97 -1.14
C PRO A 86 19.49 9.73 -1.07
N THR A 87 20.51 9.72 -0.23
CA THR A 87 21.49 8.64 -0.17
C THR A 87 21.16 7.59 0.89
N ASP A 88 20.05 7.71 1.61
CA ASP A 88 19.70 6.72 2.62
C ASP A 88 19.34 5.40 1.94
N ASP A 89 19.79 4.30 2.54
CA ASP A 89 19.37 2.99 2.02
C ASP A 89 17.85 2.81 2.11
N ILE A 90 17.20 3.46 3.08
CA ILE A 90 15.75 3.29 3.21
C ILE A 90 15.03 3.73 1.93
N VAL A 91 15.56 4.74 1.25
CA VAL A 91 15.00 5.20 -0.02
C VAL A 91 15.16 4.12 -1.08
N LEU A 92 16.32 3.49 -1.14
CA LEU A 92 16.51 2.40 -2.09
C LEU A 92 15.64 1.21 -1.74
N MET A 93 15.37 0.98 -0.46
CA MET A 93 14.45 -0.08 -0.09
C MET A 93 13.05 0.23 -0.60
N ALA A 94 12.58 1.46 -0.36
CA ALA A 94 11.29 1.88 -0.90
C ALA A 94 11.26 1.77 -2.42
N GLN A 95 12.34 2.21 -3.08
CA GLN A 95 12.35 2.15 -4.54
C GLN A 95 12.22 0.72 -5.03
N THR A 96 12.86 -0.21 -4.32
CA THR A 96 12.82 -1.62 -4.72
C THR A 96 11.41 -2.18 -4.55
N LEU A 97 10.80 -1.89 -3.40
CA LEU A 97 9.41 -2.30 -3.17
C LEU A 97 8.47 -1.68 -4.18
N GLU A 98 8.67 -0.41 -4.51
CA GLU A 98 7.74 0.26 -5.43
C GLU A 98 7.85 -0.30 -6.84
N LYS A 99 9.06 -0.74 -7.24
CA LYS A 99 9.20 -1.33 -8.57
C LYS A 99 8.42 -2.63 -8.67
N ILE A 100 8.43 -3.41 -7.59
CA ILE A 100 7.65 -4.64 -7.53
C ILE A 100 6.16 -4.32 -7.52
N PHE A 101 5.76 -3.33 -6.71
CA PHE A 101 4.38 -2.86 -6.71
C PHE A 101 3.90 -2.51 -8.11
N LEU A 102 4.70 -1.74 -8.86
CA LEU A 102 4.30 -1.32 -10.20
C LEU A 102 4.19 -2.51 -11.14
N GLN A 103 5.15 -3.44 -11.05
CA GLN A 103 5.11 -4.60 -11.92
C GLN A 103 3.89 -5.46 -11.64
N LYS A 104 3.51 -5.58 -10.37
CA LYS A 104 2.29 -6.31 -10.03
C LYS A 104 1.05 -5.56 -10.49
N VAL A 105 1.04 -4.22 -10.40
CA VAL A 105 -0.14 -3.50 -10.87
C VAL A 105 -0.29 -3.66 -12.38
N ALA A 106 0.83 -3.79 -13.10
CA ALA A 106 0.78 -4.03 -14.54
C ALA A 106 0.01 -5.31 -14.87
N SER A 107 0.14 -6.33 -14.04
N SER A 107 0.14 -6.33 -14.04
CA SER A 107 -0.52 -7.61 -14.30
CA SER A 107 -0.51 -7.62 -14.28
C SER A 107 -1.91 -7.73 -13.67
C SER A 107 -1.88 -7.75 -13.61
N MET A 108 -2.38 -6.67 -13.01
CA MET A 108 -3.68 -6.70 -12.37
C MET A 108 -4.79 -6.77 -13.42
N PRO A 109 -5.94 -7.38 -13.10
CA PRO A 109 -7.07 -7.37 -14.04
C PRO A 109 -7.35 -5.94 -14.50
N GLN A 110 -7.64 -5.79 -15.80
CA GLN A 110 -7.67 -4.48 -16.42
C GLN A 110 -8.87 -3.65 -16.01
N GLU A 111 -10.01 -4.28 -15.75
CA GLU A 111 -11.25 -3.56 -15.53
C GLU A 111 -11.84 -3.95 -14.19
N GLU A 112 -12.05 -2.97 -13.32
CA GLU A 112 -12.53 -3.29 -11.98
C GLU A 112 -13.99 -3.70 -12.03
N GLN A 113 -14.28 -4.85 -11.42
CA GLN A 113 -15.63 -5.36 -11.28
C GLN A 113 -15.81 -5.88 -9.86
N GLU A 114 -16.91 -5.48 -9.23
CA GLU A 114 -17.27 -6.01 -7.92
C GLU A 114 -17.52 -7.50 -8.04
N LEU A 115 -17.00 -8.27 -7.08
CA LEU A 115 -17.12 -9.73 -7.11
C LEU A 115 -18.47 -10.11 -6.52
N VAL A 116 -19.51 -9.97 -7.33
CA VAL A 116 -20.87 -10.17 -6.87
C VAL A 116 -21.70 -10.74 -8.01
N VAL A 117 -22.53 -11.71 -7.67
CA VAL A 117 -23.56 -12.25 -8.56
C VAL A 117 -24.82 -12.37 -7.74
N THR A 118 -25.85 -11.64 -8.13
CA THR A 118 -27.08 -11.57 -7.36
C THR A 118 -28.22 -12.15 -8.16
N ILE A 119 -29.06 -12.94 -7.50
CA ILE A 119 -30.32 -13.36 -8.10
C ILE A 119 -31.33 -12.22 -7.96
N PRO A 120 -31.91 -11.74 -9.06
CA PRO A 120 -32.96 -10.70 -8.96
C PRO A 120 -34.07 -11.09 -7.99
N LYS A 121 -34.27 -10.30 -6.94
CA LYS A 121 -35.39 -10.54 -6.04
C LYS A 121 -36.04 -9.21 -5.71
N ASN A 122 -37.36 -9.27 -5.49
CA ASN A 122 -38.27 -8.11 -5.40
C ASN A 122 -38.61 -7.61 -6.81
#